data_3CJM
#
_entry.id   3CJM
#
_cell.length_a   64.975
_cell.length_b   64.975
_cell.length_c   140.905
_cell.angle_alpha   90.000
_cell.angle_beta   90.000
_cell.angle_gamma   90.000
#
_symmetry.space_group_name_H-M   'P 41 21 2'
#
loop_
_entity.id
_entity.type
_entity.pdbx_description
1 polymer 'Putative beta-lactamase'
2 non-polymer 'NITRATE ION'
3 non-polymer 1,2-ETHANEDIOL
4 water water
#
_entity_poly.entity_id   1
_entity_poly.type   'polypeptide(L)'
_entity_poly.pdbx_seq_one_letter_code
;GAKESEQKVTIDSAKHEKHTKDKEENNSANTVFFDKINDLLVASVKEFEGTVGISYLDLETGEQRSVNGQHEFYTASTIK
VPLT(MSE)LVADTVASGQKKWTDLIPYNAEEDYEEGTGIIAYNIQPEYPLKTLQEYAITYSDNIAKN(MSE)LYDTLGG
DAKAKRE(MSE)YQRYLHKTPSIEEPQFSSEDALVILQKLYTEKATKPDYQAIYDS(MSE)KQSVFHER(MSE)ETPTTQ
GKVAHKIGSYDEFIHD(MSE)GILETPHPFALAIFTKGPDNAKSAAFIASVTDKLWQLQVSEYPNQ
;
_entity_poly.pdbx_strand_id   A
#
# COMPACT_ATOMS: atom_id res chain seq x y z
N SER A 28 21.27 12.45 18.81
CA SER A 28 22.38 12.60 17.83
C SER A 28 22.57 11.27 17.13
N ALA A 29 22.49 10.20 17.91
CA ALA A 29 22.70 8.83 17.39
C ALA A 29 21.57 8.50 16.40
N ASN A 30 20.39 9.03 16.69
CA ASN A 30 19.24 8.85 15.83
C ASN A 30 19.52 9.57 14.51
N THR A 31 19.99 10.80 14.58
CA THR A 31 20.20 11.60 13.36
CA THR A 31 20.24 11.59 13.38
C THR A 31 21.31 10.91 12.51
N VAL A 32 22.34 10.35 13.15
CA VAL A 32 23.39 9.62 12.41
C VAL A 32 22.78 8.46 11.60
N PHE A 33 21.92 7.70 12.26
CA PHE A 33 21.28 6.52 11.65
C PHE A 33 20.35 6.95 10.50
N PHE A 34 19.49 7.93 10.77
CA PHE A 34 18.54 8.39 9.76
C PHE A 34 19.24 9.08 8.59
N ASP A 35 20.38 9.70 8.87
CA ASP A 35 21.18 10.29 7.79
C ASP A 35 21.73 9.17 6.89
N LYS A 36 22.05 8.02 7.48
CA LYS A 36 22.54 6.86 6.72
CA LYS A 36 22.55 6.88 6.71
C LYS A 36 21.41 6.30 5.86
N ILE A 37 20.21 6.29 6.41
CA ILE A 37 19.03 5.88 5.63
C ILE A 37 18.88 6.84 4.44
N ASN A 38 18.95 8.13 4.71
CA ASN A 38 18.86 9.13 3.65
C ASN A 38 19.94 8.93 2.57
N ASP A 39 21.18 8.69 2.98
CA ASP A 39 22.26 8.50 2.00
C ASP A 39 21.92 7.34 1.05
N LEU A 40 21.36 6.29 1.63
CA LEU A 40 20.99 5.09 0.85
C LEU A 40 19.90 5.46 -0.16
N LEU A 41 18.92 6.21 0.29
CA LEU A 41 17.80 6.58 -0.58
C LEU A 41 18.29 7.45 -1.76
N VAL A 42 19.13 8.42 -1.44
CA VAL A 42 19.66 9.33 -2.44
C VAL A 42 20.49 8.58 -3.47
N ALA A 43 21.33 7.69 -2.97
CA ALA A 43 22.19 6.90 -3.88
C ALA A 43 21.34 6.01 -4.78
N SER A 44 20.27 5.48 -4.20
CA SER A 44 19.43 4.49 -4.89
C SER A 44 18.71 5.12 -6.07
N VAL A 45 18.09 6.26 -5.84
CA VAL A 45 17.27 6.89 -6.89
C VAL A 45 18.15 7.32 -8.07
N LYS A 46 19.44 7.56 -7.78
CA LYS A 46 20.40 7.92 -8.84
C LYS A 46 20.51 6.82 -9.86
N GLU A 47 20.30 5.60 -9.41
CA GLU A 47 20.49 4.40 -10.23
C GLU A 47 19.28 4.08 -11.10
N PHE A 48 18.15 4.68 -10.75
CA PHE A 48 16.87 4.34 -11.41
C PHE A 48 16.62 5.19 -12.65
N GLU A 49 16.39 4.51 -13.78
CA GLU A 49 16.04 5.19 -15.03
CA GLU A 49 16.05 5.20 -15.02
C GLU A 49 14.52 5.33 -15.09
N GLY A 50 14.08 6.53 -14.74
CA GLY A 50 12.68 6.82 -14.61
C GLY A 50 12.49 7.76 -13.42
N THR A 51 11.24 7.90 -13.00
CA THR A 51 10.88 8.74 -11.88
C THR A 51 10.49 7.84 -10.69
N VAL A 52 11.04 8.17 -9.53
CA VAL A 52 10.78 7.40 -8.34
C VAL A 52 10.67 8.31 -7.13
N GLY A 53 9.73 7.94 -6.27
CA GLY A 53 9.62 8.54 -4.94
C GLY A 53 9.74 7.46 -3.91
N ILE A 54 10.52 7.71 -2.87
CA ILE A 54 10.69 6.75 -1.80
C ILE A 54 10.46 7.48 -0.49
N SER A 55 9.68 6.85 0.38
CA SER A 55 9.49 7.34 1.74
C SER A 55 9.64 6.22 2.74
N TYR A 56 10.43 6.49 3.76
CA TYR A 56 10.72 5.58 4.87
C TYR A 56 10.21 6.24 6.16
N LEU A 57 9.58 5.41 7.01
CA LEU A 57 9.13 5.85 8.32
C LEU A 57 9.50 4.81 9.39
N ASP A 58 10.28 5.27 10.35
CA ASP A 58 10.63 4.44 11.51
C ASP A 58 9.47 4.53 12.49
N LEU A 59 8.74 3.42 12.68
CA LEU A 59 7.45 3.51 13.39
C LEU A 59 7.61 3.86 14.86
N GLU A 60 8.69 3.41 15.49
CA GLU A 60 8.88 3.63 16.95
C GLU A 60 9.25 5.06 17.31
N THR A 61 9.93 5.76 16.40
CA THR A 61 10.37 7.13 16.67
C THR A 61 9.52 8.17 15.92
N GLY A 62 8.88 7.75 14.85
CA GLY A 62 8.17 8.64 13.96
C GLY A 62 9.05 9.37 12.96
N GLU A 63 10.32 9.09 13.00
CA GLU A 63 11.29 9.74 12.10
CA GLU A 63 11.24 9.80 12.11
C GLU A 63 11.16 9.23 10.69
N GLN A 64 11.14 10.15 9.75
CA GLN A 64 10.98 9.86 8.34
C GLN A 64 12.15 10.35 7.50
N ARG A 65 12.34 9.68 6.38
CA ARG A 65 13.22 10.16 5.33
C ARG A 65 12.61 9.85 4.00
N SER A 66 12.60 10.86 3.13
CA SER A 66 12.06 10.74 1.78
C SER A 66 12.99 11.33 0.75
N VAL A 67 12.94 10.73 -0.44
CA VAL A 67 13.51 11.32 -1.63
CA VAL A 67 13.52 11.31 -1.65
C VAL A 67 12.44 11.38 -2.71
N ASN A 68 12.20 12.59 -3.21
CA ASN A 68 11.13 12.90 -4.15
C ASN A 68 9.78 12.41 -3.64
N GLY A 69 9.58 12.58 -2.34
CA GLY A 69 8.41 12.09 -1.62
C GLY A 69 7.13 12.84 -1.85
N GLN A 70 7.17 13.89 -2.67
CA GLN A 70 5.93 14.65 -2.94
CA GLN A 70 5.99 14.71 -2.94
C GLN A 70 5.46 14.52 -4.37
N HIS A 71 6.25 13.89 -5.23
CA HIS A 71 5.82 13.69 -6.61
C HIS A 71 4.62 12.75 -6.63
N GLU A 72 3.57 13.17 -7.34
CA GLU A 72 2.32 12.42 -7.40
C GLU A 72 2.31 11.46 -8.57
N PHE A 73 1.99 10.20 -8.27
CA PHE A 73 1.89 9.10 -9.23
C PHE A 73 0.48 8.54 -9.27
N TYR A 74 0.04 8.09 -10.43
CA TYR A 74 -1.20 7.31 -10.51
C TYR A 74 -1.18 6.17 -9.47
N THR A 75 -2.26 6.05 -8.69
CA THR A 75 -2.21 5.12 -7.58
C THR A 75 -2.10 3.68 -8.03
N ALA A 76 -2.69 3.37 -9.15
CA ALA A 76 -3.01 1.97 -9.49
C ALA A 76 -3.63 1.28 -8.26
N SER A 77 -3.36 -0.01 -8.07
CA SER A 77 -4.05 -0.78 -7.02
C SER A 77 -3.70 -0.42 -5.59
N THR A 78 -2.72 0.46 -5.39
CA THR A 78 -2.44 0.84 -4.02
C THR A 78 -3.65 1.46 -3.31
N ILE A 79 -4.57 2.03 -4.11
CA ILE A 79 -5.78 2.68 -3.59
C ILE A 79 -6.72 1.67 -2.89
N LYS A 80 -6.52 0.38 -3.13
CA LYS A 80 -7.34 -0.63 -2.48
C LYS A 80 -7.16 -0.63 -0.96
N VAL A 81 -5.99 -0.21 -0.46
CA VAL A 81 -5.77 -0.15 1.00
C VAL A 81 -6.75 0.89 1.65
N PRO A 82 -6.67 2.18 1.26
CA PRO A 82 -7.62 3.13 1.87
C PRO A 82 -9.07 2.83 1.52
N LEU A 83 -9.29 2.20 0.38
CA LEU A 83 -10.68 1.78 0.05
C LEU A 83 -11.21 0.83 1.12
N THR A 84 -10.44 -0.21 1.43
CA THR A 84 -10.86 -1.15 2.49
C THR A 84 -10.98 -0.46 3.85
N LEU A 86 -11.98 2.54 4.35
CA LEU A 86 -13.23 3.31 4.26
C LEU A 86 -14.43 2.36 4.42
N VAL A 87 -14.30 1.17 3.83
CA VAL A 87 -15.37 0.16 3.99
C VAL A 87 -15.50 -0.20 5.48
N ALA A 88 -14.35 -0.42 6.13
CA ALA A 88 -14.38 -0.73 7.57
C ALA A 88 -14.99 0.40 8.38
N ASP A 89 -14.66 1.64 8.02
CA ASP A 89 -15.22 2.81 8.73
C ASP A 89 -16.74 2.85 8.55
N THR A 90 -17.17 2.44 7.37
CA THR A 90 -18.58 2.50 7.02
C THR A 90 -19.35 1.45 7.81
N VAL A 91 -18.75 0.28 7.98
CA VAL A 91 -19.34 -0.76 8.84
C VAL A 91 -19.41 -0.22 10.27
N ALA A 92 -18.34 0.42 10.72
CA ALA A 92 -18.34 0.93 12.10
C ALA A 92 -19.43 1.97 12.35
N SER A 93 -19.79 2.68 11.29
CA SER A 93 -20.80 3.75 11.39
C SER A 93 -22.20 3.17 11.50
N GLY A 94 -22.35 1.87 11.23
CA GLY A 94 -23.62 1.17 11.29
C GLY A 94 -24.36 1.08 9.97
N GLN A 95 -23.82 1.69 8.94
CA GLN A 95 -24.52 1.75 7.63
C GLN A 95 -24.44 0.49 6.81
N LYS A 96 -23.43 -0.32 7.12
CA LYS A 96 -23.25 -1.62 6.45
C LYS A 96 -22.83 -2.62 7.51
N LYS A 97 -23.00 -3.90 7.17
CA LYS A 97 -22.59 -5.04 8.02
C LYS A 97 -21.74 -5.98 7.20
N TRP A 98 -20.75 -6.61 7.86
CA TRP A 98 -19.86 -7.56 7.17
C TRP A 98 -20.58 -8.73 6.52
N THR A 99 -21.73 -9.05 7.07
CA THR A 99 -22.55 -10.17 6.60
C THR A 99 -23.45 -9.80 5.42
N ASP A 100 -23.51 -8.51 5.11
CA ASP A 100 -24.39 -8.07 4.00
C ASP A 100 -23.96 -8.71 2.71
N LEU A 101 -24.93 -9.20 1.95
CA LEU A 101 -24.67 -9.73 0.63
C LEU A 101 -24.68 -8.63 -0.40
N ILE A 102 -23.57 -8.49 -1.09
CA ILE A 102 -23.38 -7.45 -2.08
C ILE A 102 -23.52 -8.06 -3.47
N PRO A 103 -24.45 -7.54 -4.28
CA PRO A 103 -24.72 -8.19 -5.56
C PRO A 103 -23.70 -7.83 -6.61
N TYR A 104 -23.33 -8.83 -7.40
CA TYR A 104 -22.49 -8.58 -8.58
C TYR A 104 -23.33 -8.03 -9.72
N ASN A 105 -22.88 -6.93 -10.31
CA ASN A 105 -23.53 -6.27 -11.43
C ASN A 105 -22.67 -6.43 -12.69
N ALA A 106 -22.99 -7.37 -13.57
N ALA A 106 -23.16 -7.33 -13.56
CA ALA A 106 -22.08 -7.61 -14.68
CA ALA A 106 -22.49 -7.79 -14.77
C ALA A 106 -21.79 -6.27 -15.36
C ALA A 106 -22.26 -6.65 -15.76
N GLU A 107 -22.89 -5.54 -15.58
N GLU A 107 -22.96 -5.54 -15.56
CA GLU A 107 -22.89 -4.39 -16.46
CA GLU A 107 -22.84 -4.39 -16.44
C GLU A 107 -22.17 -3.19 -15.88
C GLU A 107 -21.76 -3.44 -15.93
N GLU A 108 -21.72 -3.31 -14.63
CA GLU A 108 -20.98 -2.24 -13.97
C GLU A 108 -19.66 -2.67 -13.27
N ASP A 109 -19.54 -3.95 -12.98
CA ASP A 109 -18.45 -4.42 -12.10
C ASP A 109 -17.40 -5.27 -12.79
N TYR A 110 -17.70 -5.82 -13.95
CA TYR A 110 -16.76 -6.78 -14.58
C TYR A 110 -15.46 -6.10 -14.95
N GLU A 111 -14.36 -6.77 -14.61
CA GLU A 111 -13.01 -6.30 -14.93
C GLU A 111 -12.08 -7.52 -14.81
N GLU A 112 -11.16 -7.61 -15.75
CA GLU A 112 -10.23 -8.72 -15.76
C GLU A 112 -8.98 -8.33 -14.95
N GLY A 113 -7.84 -8.88 -15.30
CA GLY A 113 -6.66 -8.69 -14.49
C GLY A 113 -6.73 -9.46 -13.18
N THR A 114 -6.05 -8.93 -12.18
CA THR A 114 -5.89 -9.67 -10.92
C THR A 114 -7.26 -9.84 -10.24
N GLY A 115 -7.38 -10.99 -9.58
CA GLY A 115 -8.53 -11.31 -8.81
C GLY A 115 -8.99 -12.74 -8.91
N ILE A 116 -9.94 -13.09 -8.04
CA ILE A 116 -10.62 -14.40 -8.00
C ILE A 116 -12.01 -14.35 -8.63
N ILE A 117 -12.73 -13.25 -8.39
CA ILE A 117 -14.14 -13.21 -8.72
C ILE A 117 -14.35 -13.39 -10.22
N ALA A 118 -13.56 -12.70 -11.03
CA ALA A 118 -13.73 -12.70 -12.49
C ALA A 118 -13.69 -14.08 -13.08
N TYR A 119 -13.01 -14.98 -12.37
CA TYR A 119 -12.73 -16.30 -12.92
C TYR A 119 -13.58 -17.41 -12.27
N ASN A 120 -14.52 -16.97 -11.42
CA ASN A 120 -15.58 -17.88 -10.91
C ASN A 120 -16.71 -17.03 -10.38
N ILE A 121 -17.33 -16.27 -11.27
CA ILE A 121 -18.29 -15.27 -10.87
C ILE A 121 -19.50 -15.84 -10.14
N GLN A 122 -19.77 -15.28 -8.95
CA GLN A 122 -20.97 -15.62 -8.18
C GLN A 122 -21.92 -14.44 -8.21
N PRO A 123 -23.21 -14.67 -7.94
CA PRO A 123 -24.16 -13.56 -8.03
C PRO A 123 -24.05 -12.54 -6.93
N GLU A 124 -23.55 -12.96 -5.78
CA GLU A 124 -23.37 -12.02 -4.65
C GLU A 124 -22.26 -12.56 -3.77
N TYR A 125 -21.77 -11.67 -2.93
CA TYR A 125 -20.66 -11.96 -2.01
C TYR A 125 -20.91 -11.25 -0.68
N PRO A 126 -20.58 -11.92 0.42
CA PRO A 126 -20.57 -11.15 1.67
C PRO A 126 -19.57 -10.00 1.55
N LEU A 127 -19.93 -8.91 2.19
CA LEU A 127 -19.05 -7.74 2.22
C LEU A 127 -17.66 -8.11 2.72
N LYS A 128 -17.60 -8.90 3.78
CA LYS A 128 -16.32 -9.36 4.34
CA LYS A 128 -16.29 -9.29 4.32
C LYS A 128 -15.43 -10.04 3.32
N THR A 129 -16.05 -10.83 2.45
CA THR A 129 -15.29 -11.56 1.44
C THR A 129 -14.65 -10.59 0.41
N LEU A 130 -15.45 -9.60 -0.03
CA LEU A 130 -14.95 -8.57 -0.95
C LEU A 130 -13.76 -7.83 -0.34
N GLN A 131 -13.94 -7.48 0.93
CA GLN A 131 -12.94 -6.74 1.68
C GLN A 131 -11.59 -7.49 1.65
N GLU A 132 -11.65 -8.79 1.91
CA GLU A 132 -10.47 -9.66 1.90
CA GLU A 132 -10.46 -9.64 1.91
C GLU A 132 -9.88 -9.73 0.49
N TYR A 133 -10.72 -10.06 -0.48
CA TYR A 133 -10.23 -10.32 -1.82
C TYR A 133 -9.57 -9.09 -2.45
N ALA A 134 -10.11 -7.89 -2.15
CA ALA A 134 -9.55 -6.65 -2.69
C ALA A 134 -8.09 -6.46 -2.38
N ILE A 135 -7.64 -7.00 -1.25
CA ILE A 135 -6.23 -6.90 -0.86
C ILE A 135 -5.45 -8.19 -1.20
N THR A 136 -5.94 -9.31 -0.73
CA THR A 136 -5.16 -10.56 -0.80
C THR A 136 -4.88 -10.94 -2.26
N TYR A 137 -5.88 -10.70 -3.11
CA TYR A 137 -5.80 -11.09 -4.53
C TYR A 137 -5.84 -9.85 -5.44
N SER A 138 -5.70 -8.67 -4.85
CA SER A 138 -5.83 -7.39 -5.56
C SER A 138 -7.02 -7.44 -6.52
N ASP A 139 -8.13 -7.94 -6.02
CA ASP A 139 -9.27 -8.32 -6.88
C ASP A 139 -10.01 -7.09 -7.44
N ASN A 140 -9.93 -6.91 -8.74
CA ASN A 140 -10.48 -5.72 -9.37
C ASN A 140 -12.01 -5.67 -9.30
N ILE A 141 -12.66 -6.81 -9.46
CA ILE A 141 -14.13 -6.84 -9.36
C ILE A 141 -14.53 -6.52 -7.90
N ALA A 142 -13.79 -7.09 -6.94
CA ALA A 142 -14.06 -6.77 -5.54
C ALA A 142 -14.00 -5.27 -5.30
N LYS A 143 -12.93 -4.65 -5.81
CA LYS A 143 -12.78 -3.20 -5.72
C LYS A 143 -13.97 -2.48 -6.31
N ASN A 144 -14.44 -2.95 -7.48
CA ASN A 144 -15.59 -2.27 -8.10
C ASN A 144 -16.83 -2.39 -7.23
N LEU A 146 -16.96 -2.88 -3.98
CA LEU A 146 -16.76 -2.03 -2.79
C LEU A 146 -17.10 -0.58 -3.14
N TYR A 147 -16.61 -0.09 -4.28
CA TYR A 147 -17.01 1.26 -4.68
C TYR A 147 -18.53 1.37 -4.79
N ASP A 148 -19.17 0.36 -5.39
CA ASP A 148 -20.66 0.39 -5.51
C ASP A 148 -21.29 0.54 -4.14
N THR A 149 -20.80 -0.27 -3.22
CA THR A 149 -21.33 -0.32 -1.83
C THR A 149 -21.23 1.03 -1.12
N LEU A 150 -20.18 1.78 -1.47
CA LEU A 150 -19.87 3.06 -0.83
C LEU A 150 -20.54 4.22 -1.55
N GLY A 151 -21.36 3.95 -2.55
CA GLY A 151 -22.06 5.00 -3.28
C GLY A 151 -21.35 5.53 -4.50
N GLY A 152 -20.41 4.74 -4.98
CA GLY A 152 -19.70 5.03 -6.22
C GLY A 152 -18.28 5.48 -6.01
N ASP A 153 -17.48 5.38 -7.06
CA ASP A 153 -16.07 5.67 -6.92
C ASP A 153 -15.80 7.16 -6.63
N ALA A 154 -16.59 8.09 -7.17
CA ALA A 154 -16.30 9.51 -6.90
C ALA A 154 -16.49 9.80 -5.43
N LYS A 155 -17.61 9.33 -4.87
CA LYS A 155 -17.89 9.53 -3.48
C LYS A 155 -16.81 8.90 -2.59
N ALA A 156 -16.46 7.66 -2.87
CA ALA A 156 -15.47 6.93 -2.09
C ALA A 156 -14.13 7.64 -2.15
N LYS A 157 -13.74 8.05 -3.34
CA LYS A 157 -12.44 8.72 -3.50
C LYS A 157 -12.42 10.02 -2.73
N ARG A 158 -13.48 10.81 -2.85
CA ARG A 158 -13.53 12.07 -2.10
C ARG A 158 -13.38 11.80 -0.62
N GLU A 159 -14.13 10.84 -0.11
CA GLU A 159 -14.10 10.56 1.32
C GLU A 159 -12.74 10.07 1.80
N TYR A 161 -9.79 10.43 0.41
CA TYR A 161 -8.73 11.43 0.28
C TYR A 161 -8.90 12.55 1.32
N GLN A 162 -10.13 13.01 1.47
CA GLN A 162 -10.42 14.12 2.39
C GLN A 162 -10.13 13.69 3.83
N ARG A 163 -10.59 12.50 4.20
CA ARG A 163 -10.48 12.03 5.58
C ARG A 163 -9.10 11.56 5.95
N TYR A 164 -8.43 10.89 5.03
CA TYR A 164 -7.15 10.24 5.41
C TYR A 164 -5.96 11.10 5.03
N LEU A 165 -6.09 11.88 3.96
CA LEU A 165 -4.97 12.70 3.47
C LEU A 165 -5.24 14.19 3.60
N HIS A 166 -6.47 14.60 3.90
CA HIS A 166 -6.83 16.01 3.84
C HIS A 166 -6.49 16.67 2.50
N LYS A 167 -6.78 15.93 1.45
CA LYS A 167 -6.57 16.37 0.06
C LYS A 167 -7.79 16.15 -0.77
N THR A 168 -7.90 16.95 -1.83
CA THR A 168 -8.95 16.75 -2.82
C THR A 168 -8.40 15.80 -3.90
N PRO A 169 -9.16 14.75 -4.25
CA PRO A 169 -8.62 13.86 -5.26
C PRO A 169 -8.93 14.26 -6.68
N SER A 170 -8.17 13.71 -7.62
CA SER A 170 -8.64 13.58 -9.01
C SER A 170 -9.42 12.29 -9.12
N ILE A 171 -10.65 12.39 -9.53
CA ILE A 171 -11.50 11.20 -9.59
C ILE A 171 -11.08 10.28 -10.74
N GLU A 172 -10.76 10.88 -11.88
CA GLU A 172 -10.43 10.08 -13.08
C GLU A 172 -9.03 9.45 -13.01
N GLU A 173 -8.13 10.16 -12.36
CA GLU A 173 -6.72 9.74 -12.28
C GLU A 173 -6.18 10.02 -10.88
N PRO A 174 -6.66 9.23 -9.93
CA PRO A 174 -6.22 9.46 -8.56
C PRO A 174 -4.73 9.22 -8.42
N GLN A 175 -4.12 10.03 -7.57
CA GLN A 175 -2.64 10.04 -7.38
CA GLN A 175 -2.67 9.93 -7.38
C GLN A 175 -2.28 9.87 -5.93
N PHE A 176 -1.12 9.27 -5.70
CA PHE A 176 -0.45 9.30 -4.40
C PHE A 176 1.02 9.65 -4.62
N SER A 177 1.57 10.36 -3.65
CA SER A 177 3.01 10.46 -3.47
C SER A 177 3.43 9.36 -2.47
N SER A 178 4.74 9.12 -2.37
CA SER A 178 5.21 8.17 -1.38
C SER A 178 4.91 8.67 0.02
N GLU A 179 4.90 9.98 0.23
CA GLU A 179 4.55 10.54 1.55
C GLU A 179 3.09 10.31 1.83
N ASP A 180 2.24 10.46 0.82
CA ASP A 180 0.82 10.18 1.03
C ASP A 180 0.64 8.73 1.55
N ALA A 181 1.33 7.80 0.89
CA ALA A 181 1.23 6.40 1.23
C ALA A 181 1.62 6.19 2.69
N LEU A 182 2.65 6.88 3.17
CA LEU A 182 3.06 6.75 4.57
C LEU A 182 1.97 7.20 5.54
N VAL A 183 1.25 8.26 5.17
CA VAL A 183 0.17 8.78 6.05
C VAL A 183 -0.90 7.68 6.21
N ILE A 184 -1.26 7.05 5.10
CA ILE A 184 -2.24 5.99 5.13
C ILE A 184 -1.72 4.80 5.93
N LEU A 185 -0.47 4.40 5.70
CA LEU A 185 0.09 3.23 6.41
C LEU A 185 0.16 3.52 7.91
N GLN A 186 0.57 4.72 8.28
CA GLN A 186 0.67 5.06 9.70
C GLN A 186 -0.68 4.94 10.39
N LYS A 187 -1.71 5.42 9.73
CA LYS A 187 -3.07 5.32 10.31
C LYS A 187 -3.48 3.87 10.50
N LEU A 188 -3.23 3.05 9.50
CA LEU A 188 -3.57 1.63 9.62
C LEU A 188 -2.83 0.96 10.75
N TYR A 189 -1.52 1.23 10.83
CA TYR A 189 -0.67 0.60 11.81
CA TYR A 189 -0.61 0.65 11.83
C TYR A 189 -1.01 1.04 13.25
N THR A 190 -1.30 2.30 13.44
CA THR A 190 -1.67 2.78 14.79
C THR A 190 -3.04 2.20 15.15
N GLU A 191 -4.00 2.34 14.25
CA GLU A 191 -5.37 2.15 14.64
C GLU A 191 -5.79 0.68 14.68
N LYS A 192 -4.96 -0.21 14.12
CA LYS A 192 -5.30 -1.64 14.12
C LYS A 192 -5.21 -2.22 15.53
N ALA A 193 -4.58 -1.49 16.46
CA ALA A 193 -4.52 -1.95 17.83
C ALA A 193 -5.89 -2.01 18.51
N THR A 194 -6.79 -1.13 18.11
CA THR A 194 -8.15 -1.11 18.67
C THR A 194 -9.26 -1.38 17.65
N LYS A 195 -8.89 -1.53 16.37
CA LYS A 195 -9.87 -1.78 15.32
C LYS A 195 -9.54 -3.14 14.68
N PRO A 196 -10.22 -4.22 15.13
CA PRO A 196 -9.97 -5.53 14.54
C PRO A 196 -10.12 -5.55 13.03
N ASP A 197 -10.98 -4.71 12.49
CA ASP A 197 -11.18 -4.74 11.05
C ASP A 197 -9.99 -4.13 10.32
N TYR A 198 -9.27 -3.22 10.98
CA TYR A 198 -8.01 -2.73 10.41
C TYR A 198 -6.90 -3.80 10.52
N GLN A 199 -6.89 -4.50 11.64
CA GLN A 199 -5.98 -5.65 11.78
C GLN A 199 -6.24 -6.66 10.66
N ALA A 200 -7.51 -6.87 10.31
CA ALA A 200 -7.84 -7.81 9.21
C ALA A 200 -7.28 -7.31 7.89
N ILE A 201 -7.38 -6.01 7.64
CA ILE A 201 -6.76 -5.43 6.42
C ILE A 201 -5.23 -5.69 6.41
N TYR A 202 -4.59 -5.37 7.52
CA TYR A 202 -3.16 -5.62 7.67
C TYR A 202 -2.81 -7.09 7.38
N ASP A 203 -3.59 -7.98 7.96
CA ASP A 203 -3.33 -9.40 7.80
C ASP A 203 -3.50 -9.79 6.34
N SER A 204 -4.50 -9.19 5.66
CA SER A 204 -4.72 -9.52 4.24
CA SER A 204 -4.71 -9.53 4.24
C SER A 204 -3.54 -9.03 3.42
N LYS A 206 -0.44 -9.01 4.57
CA LYS A 206 0.60 -10.05 4.82
C LYS A 206 0.36 -11.31 3.98
N GLN A 207 -0.91 -11.64 3.82
CA GLN A 207 -1.30 -12.86 3.09
C GLN A 207 -1.41 -12.66 1.60
N SER A 208 -1.17 -11.45 1.12
CA SER A 208 -1.32 -11.17 -0.33
C SER A 208 -0.44 -12.09 -1.14
N VAL A 209 -0.93 -12.50 -2.33
CA VAL A 209 -0.35 -13.60 -3.08
C VAL A 209 0.75 -13.24 -4.05
N PHE A 210 1.07 -11.96 -4.13
CA PHE A 210 2.08 -11.49 -5.08
C PHE A 210 3.43 -11.36 -4.37
N HIS A 211 4.24 -12.39 -4.55
CA HIS A 211 5.48 -12.56 -3.79
C HIS A 211 6.60 -11.91 -4.56
N GLU A 212 6.55 -10.60 -4.55
CA GLU A 212 7.50 -9.77 -5.26
CA GLU A 212 7.44 -9.74 -5.32
C GLU A 212 7.57 -8.38 -4.63
N ARG A 213 8.45 -7.55 -5.18
CA ARG A 213 8.65 -6.19 -4.75
C ARG A 213 9.09 -6.15 -3.29
N GLU A 215 8.16 -7.93 -0.92
CA GLU A 215 8.31 -9.30 -0.47
CA GLU A 215 8.36 -9.33 -0.46
C GLU A 215 9.52 -9.92 -1.20
N THR A 216 10.55 -10.27 -0.43
CA THR A 216 11.80 -10.81 -0.90
C THR A 216 12.19 -12.01 -0.04
N PRO A 217 13.23 -12.74 -0.44
CA PRO A 217 13.59 -13.86 0.43
C PRO A 217 13.93 -13.42 1.84
N THR A 218 14.42 -12.20 1.95
CA THR A 218 14.79 -11.62 3.22
C THR A 218 13.58 -11.23 4.09
N THR A 219 12.58 -10.62 3.45
CA THR A 219 11.45 -10.07 4.19
C THR A 219 10.26 -11.02 4.27
N GLN A 220 10.33 -12.18 3.60
CA GLN A 220 9.19 -13.09 3.54
CA GLN A 220 9.22 -13.14 3.54
C GLN A 220 8.67 -13.43 4.93
N GLY A 221 7.34 -13.40 5.05
CA GLY A 221 6.66 -13.71 6.31
C GLY A 221 6.64 -12.54 7.29
N LYS A 222 7.33 -11.47 6.92
CA LYS A 222 7.51 -10.32 7.79
C LYS A 222 7.20 -9.01 7.06
N VAL A 223 6.30 -9.08 6.10
CA VAL A 223 5.93 -7.90 5.32
C VAL A 223 4.44 -7.87 5.04
N ALA A 224 3.84 -6.71 5.29
CA ALA A 224 2.46 -6.42 4.93
C ALA A 224 2.58 -5.42 3.80
N HIS A 225 2.11 -5.75 2.60
CA HIS A 225 2.30 -4.83 1.47
C HIS A 225 1.16 -4.91 0.48
N LYS A 226 0.98 -3.79 -0.24
CA LYS A 226 0.02 -3.67 -1.33
C LYS A 226 0.69 -3.17 -2.60
N ILE A 227 0.86 -4.07 -3.55
CA ILE A 227 1.43 -3.66 -4.82
C ILE A 227 0.42 -2.88 -5.65
N GLY A 228 0.95 -2.15 -6.63
CA GLY A 228 0.15 -1.46 -7.63
C GLY A 228 0.88 -1.42 -8.95
N SER A 229 0.15 -1.68 -10.04
CA SER A 229 0.75 -1.74 -11.37
C SER A 229 -0.21 -1.24 -12.43
N TYR A 230 0.28 -0.39 -13.30
CA TYR A 230 -0.49 0.02 -14.48
C TYR A 230 0.46 0.61 -15.48
N ASP A 231 0.65 -0.07 -16.62
CA ASP A 231 1.55 0.41 -17.66
CA ASP A 231 1.55 0.36 -17.65
C ASP A 231 2.91 0.71 -17.05
N GLU A 232 3.34 1.96 -17.14
CA GLU A 232 4.67 2.31 -16.64
C GLU A 232 4.77 2.53 -15.12
N PHE A 233 3.63 2.49 -14.45
CA PHE A 233 3.54 2.67 -13.01
C PHE A 233 3.72 1.34 -12.27
N ILE A 234 4.74 1.28 -11.40
CA ILE A 234 5.04 0.06 -10.65
C ILE A 234 5.38 0.49 -9.21
N HIS A 235 4.52 0.12 -8.29
CA HIS A 235 4.58 0.61 -6.91
C HIS A 235 4.49 -0.51 -5.91
N ASP A 236 4.92 -0.21 -4.69
CA ASP A 236 4.58 -1.05 -3.54
C ASP A 236 4.60 -0.16 -2.31
N GLY A 238 4.13 -0.65 2.20
CA GLY A 238 3.96 -1.66 3.24
C GLY A 238 4.69 -1.36 4.53
N ILE A 239 4.55 -2.34 5.42
CA ILE A 239 5.23 -2.33 6.69
CA ILE A 239 5.19 -2.34 6.72
C ILE A 239 6.10 -3.56 6.79
N LEU A 240 7.33 -3.31 7.15
CA LEU A 240 8.37 -4.33 7.32
C LEU A 240 8.57 -4.60 8.80
N GLU A 241 8.33 -5.84 9.20
CA GLU A 241 8.27 -6.28 10.61
C GLU A 241 9.65 -6.68 11.13
N THR A 242 10.62 -5.79 10.95
CA THR A 242 11.91 -5.87 11.64
C THR A 242 11.64 -5.63 13.14
N PRO A 243 12.56 -6.04 14.01
CA PRO A 243 12.38 -5.84 15.46
C PRO A 243 11.94 -4.42 15.82
N HIS A 244 12.58 -3.44 15.19
CA HIS A 244 12.05 -2.05 15.21
C HIS A 244 11.39 -1.84 13.83
N PRO A 245 10.07 -1.91 13.75
CA PRO A 245 9.42 -1.97 12.45
C PRO A 245 9.41 -0.65 11.71
N PHE A 246 9.32 -0.72 10.39
CA PHE A 246 9.25 0.50 9.59
C PHE A 246 8.26 0.38 8.46
N ALA A 247 7.74 1.52 8.04
CA ALA A 247 6.90 1.64 6.87
C ALA A 247 7.72 2.14 5.71
N LEU A 248 7.34 1.68 4.51
CA LEU A 248 8.06 2.01 3.30
C LEU A 248 7.09 2.13 2.15
N ALA A 249 7.32 3.16 1.34
CA ALA A 249 6.56 3.36 0.10
C ALA A 249 7.51 3.69 -1.03
N ILE A 250 7.45 2.92 -2.10
CA ILE A 250 8.24 3.17 -3.31
C ILE A 250 7.30 3.16 -4.50
N PHE A 251 7.18 4.33 -5.12
CA PHE A 251 6.34 4.56 -6.26
C PHE A 251 7.25 4.91 -7.42
N THR A 252 7.02 4.26 -8.55
CA THR A 252 7.88 4.46 -9.72
C THR A 252 7.10 4.57 -11.02
N LYS A 253 7.69 5.30 -11.97
CA LYS A 253 7.22 5.34 -13.33
C LYS A 253 8.44 5.21 -14.21
N GLY A 254 8.47 4.20 -15.05
CA GLY A 254 9.62 3.97 -15.89
C GLY A 254 9.29 3.00 -16.98
N PRO A 255 10.22 2.82 -17.92
CA PRO A 255 9.89 2.08 -19.12
C PRO A 255 9.94 0.53 -19.00
N ASP A 256 10.48 0.06 -17.91
CA ASP A 256 10.82 -1.37 -17.77
C ASP A 256 10.26 -1.94 -16.48
N ASN A 257 9.12 -2.60 -16.61
CA ASN A 257 8.42 -3.10 -15.44
C ASN A 257 9.31 -4.00 -14.56
N ALA A 258 10.06 -4.90 -15.19
CA ALA A 258 10.94 -5.83 -14.48
C ALA A 258 11.98 -5.07 -13.68
N LYS A 259 12.57 -4.05 -14.29
CA LYS A 259 13.60 -3.26 -13.61
C LYS A 259 12.98 -2.52 -12.43
N SER A 260 11.77 -2.02 -12.62
CA SER A 260 11.12 -1.27 -11.55
C SER A 260 10.86 -2.19 -10.34
N ALA A 261 10.36 -3.39 -10.60
CA ALA A 261 10.07 -4.31 -9.51
C ALA A 261 11.36 -4.73 -8.77
N ALA A 262 12.42 -4.92 -9.55
CA ALA A 262 13.70 -5.33 -9.00
C ALA A 262 14.28 -4.23 -8.14
N PHE A 263 14.08 -2.98 -8.56
CA PHE A 263 14.53 -1.81 -7.79
C PHE A 263 13.85 -1.77 -6.43
N ILE A 264 12.53 -1.94 -6.43
CA ILE A 264 11.80 -1.95 -5.15
C ILE A 264 12.37 -3.03 -4.23
N ALA A 265 12.57 -4.23 -4.75
CA ALA A 265 13.06 -5.34 -3.90
C ALA A 265 14.46 -5.04 -3.36
N SER A 266 15.29 -4.47 -4.20
CA SER A 266 16.68 -4.16 -3.84
C SER A 266 16.75 -3.11 -2.75
N VAL A 267 16.02 -2.02 -2.92
CA VAL A 267 16.03 -0.97 -1.92
C VAL A 267 15.42 -1.48 -0.61
N THR A 268 14.35 -2.27 -0.72
CA THR A 268 13.73 -2.86 0.46
C THR A 268 14.74 -3.68 1.25
N ASP A 269 15.48 -4.55 0.59
CA ASP A 269 16.44 -5.39 1.30
C ASP A 269 17.57 -4.57 1.93
N LYS A 270 18.02 -3.52 1.24
CA LYS A 270 19.08 -2.66 1.78
C LYS A 270 18.62 -1.90 3.03
N LEU A 271 17.39 -1.40 2.99
CA LEU A 271 16.85 -0.74 4.17
C LEU A 271 16.67 -1.74 5.32
N TRP A 272 16.13 -2.91 5.02
CA TRP A 272 15.98 -3.98 6.02
C TRP A 272 17.32 -4.22 6.71
N GLN A 273 18.37 -4.34 5.92
CA GLN A 273 19.67 -4.70 6.50
CA GLN A 273 19.69 -4.68 6.47
C GLN A 273 20.14 -3.62 7.46
N LEU A 274 19.93 -2.37 7.09
CA LEU A 274 20.33 -1.23 7.95
CA LEU A 274 20.35 -1.24 7.92
C LEU A 274 19.52 -1.23 9.21
N GLN A 275 18.21 -1.43 9.04
CA GLN A 275 17.29 -1.39 10.18
C GLN A 275 17.60 -2.47 11.19
N VAL A 276 18.04 -3.62 10.71
CA VAL A 276 18.32 -4.73 11.63
C VAL A 276 19.71 -4.69 12.23
N SER A 277 20.63 -4.02 11.58
CA SER A 277 22.05 -4.10 11.99
C SER A 277 22.61 -2.83 12.65
N GLU A 278 22.05 -1.66 12.35
CA GLU A 278 22.59 -0.38 12.83
C GLU A 278 21.59 0.49 13.60
N TYR A 279 20.42 -0.07 13.91
CA TYR A 279 19.40 0.70 14.65
C TYR A 279 19.97 1.22 15.98
N PRO A 280 19.79 2.52 16.26
CA PRO A 280 20.44 3.14 17.41
C PRO A 280 19.81 2.76 18.73
N ASN A 281 20.65 2.57 19.74
CA ASN A 281 20.13 2.38 21.11
C ASN A 281 19.46 3.65 21.58
N GLN A 282 18.24 3.47 22.08
CA GLN A 282 17.41 4.58 22.54
C GLN A 282 17.59 4.80 24.04
#